data_2XK3
#
_entry.id   2XK3
#
_cell.length_a   101.030
_cell.length_b   57.090
_cell.length_c   81.410
_cell.angle_alpha   90.00
_cell.angle_beta   133.50
_cell.angle_gamma   90.00
#
_symmetry.space_group_name_H-M   'C 1 2 1'
#
loop_
_entity.id
_entity.type
_entity.pdbx_description
1 polymer 'SERINE/THREONINE-PROTEIN KINASE NEK2'
2 non-polymer '4-[3-AMINO-6-(3-ETHYLTHIOPHEN-2-YL)PYRAZIN-2-YL]CYCLOHEXANE-1-CARBOXYLIC ACID'
3 non-polymer 'CHLORIDE ION'
4 water water
#
_entity_poly.entity_id   1
_entity_poly.type   'polypeptide(L)'
_entity_poly.pdbx_seq_one_letter_code
;MPSRAEDYEVLYTIGTGSYGRCQKIRRKSDGKILVWKELDYGSMTEAEKQMLVSEVNLLRELKHPNIVRYYDRIIDRTNT
TLYIVMEYCEGGDLASVITKGTKERQYLDEEFVLRVMTQLTLALKECHRRSDGGHTVLHRDLKPANVFLDGKQNVKLGDF
GLARILNHDTSFAKTFVGTPYYMSPEQMNRMSYNEKSDIWSLGCLLYELCALMPPFTAFSQKELAGKIREGKFRRIPYRY
SDELNEIITRMLNLKDYHRPSVEEILENPLILEHHHHHH
;
_entity_poly.pdbx_strand_id   A
#
# COMPACT_ATOMS: atom_id res chain seq x y z
N SER A 3 2.04 -26.69 0.62
CA SER A 3 2.11 -27.78 -0.36
C SER A 3 3.53 -27.97 -0.90
N ARG A 4 3.69 -27.98 -2.22
CA ARG A 4 5.00 -28.23 -2.82
C ARG A 4 5.30 -27.35 -4.04
N ALA A 5 6.56 -26.94 -4.16
CA ALA A 5 6.99 -26.04 -5.23
C ALA A 5 6.79 -26.66 -6.62
N GLU A 6 6.94 -27.98 -6.70
CA GLU A 6 6.82 -28.69 -7.97
C GLU A 6 5.42 -28.56 -8.55
N ASP A 7 4.47 -28.12 -7.72
CA ASP A 7 3.10 -27.92 -8.16
C ASP A 7 2.91 -26.66 -9.01
N TYR A 8 3.98 -25.89 -9.13
CA TYR A 8 3.93 -24.60 -9.83
C TYR A 8 5.09 -24.47 -10.80
N GLU A 9 4.88 -23.68 -11.85
CA GLU A 9 5.95 -23.39 -12.78
C GLU A 9 6.27 -21.90 -12.81
N VAL A 10 7.52 -21.53 -12.52
CA VAL A 10 7.92 -20.12 -12.64
C VAL A 10 7.84 -19.71 -14.10
N LEU A 11 7.24 -18.56 -14.37
CA LEU A 11 7.19 -18.00 -15.72
C LEU A 11 8.31 -16.99 -15.89
N TYR A 12 8.47 -16.12 -14.90
CA TYR A 12 9.58 -15.17 -14.86
C TYR A 12 9.59 -14.35 -13.58
N THR A 13 10.70 -13.67 -13.37
CA THR A 13 10.93 -12.88 -12.17
C THR A 13 10.34 -11.49 -12.34
N ILE A 14 9.64 -11.02 -11.33
CA ILE A 14 9.09 -9.68 -11.35
C ILE A 14 10.09 -8.69 -10.77
N GLY A 15 10.37 -8.80 -9.47
CA GLY A 15 11.35 -7.96 -8.83
C GLY A 15 12.22 -8.71 -7.84
N THR A 16 13.36 -8.12 -7.49
CA THR A 16 14.25 -8.67 -6.48
C THR A 16 14.27 -7.78 -5.25
N ARG A 21 13.19 -12.32 -3.60
CA ARG A 21 12.80 -12.39 -5.00
C ARG A 21 11.32 -12.73 -5.22
N CYS A 22 10.70 -12.00 -6.13
CA CYS A 22 9.29 -12.18 -6.45
CA CYS A 22 9.28 -12.14 -6.45
C CYS A 22 9.14 -12.69 -7.88
N GLN A 23 8.27 -13.68 -8.06
CA GLN A 23 8.09 -14.29 -9.38
C GLN A 23 6.65 -14.58 -9.73
N LYS A 24 6.32 -14.39 -11.00
CA LYS A 24 5.03 -14.76 -11.53
C LYS A 24 5.08 -16.25 -11.81
N ILE A 25 4.07 -16.98 -11.34
CA ILE A 25 4.05 -18.44 -11.46
C ILE A 25 2.70 -18.95 -11.93
N ARG A 26 2.68 -20.20 -12.42
CA ARG A 26 1.45 -20.85 -12.85
C ARG A 26 1.21 -22.17 -12.13
N ARG A 27 0.11 -22.27 -11.41
CA ARG A 27 -0.30 -23.51 -10.76
C ARG A 27 -0.67 -24.55 -11.82
N LYS A 28 0.00 -25.70 -11.81
CA LYS A 28 -0.23 -26.75 -12.80
C LYS A 28 -1.65 -27.34 -12.83
N SER A 29 -2.25 -27.53 -11.67
CA SER A 29 -3.58 -28.18 -11.60
C SER A 29 -4.63 -27.53 -12.51
N ASP A 30 -4.69 -26.20 -12.51
CA ASP A 30 -5.72 -25.48 -13.27
C ASP A 30 -5.16 -24.30 -14.06
N GLY A 31 -3.84 -24.18 -14.11
CA GLY A 31 -3.19 -23.09 -14.84
C GLY A 31 -3.39 -21.69 -14.27
N LYS A 32 -3.84 -21.59 -13.02
CA LYS A 32 -4.07 -20.29 -12.42
C LYS A 32 -2.78 -19.47 -12.29
N ILE A 33 -2.84 -18.20 -12.68
CA ILE A 33 -1.68 -17.30 -12.58
C ILE A 33 -1.54 -16.70 -11.18
N LEU A 34 -0.39 -16.94 -10.55
CA LEU A 34 -0.15 -16.43 -9.20
C LEU A 34 1.22 -15.76 -9.15
N VAL A 35 1.64 -15.44 -8.04
CA VAL A 35 2.87 -14.79 -7.68
C VAL A 35 3.38 -15.55 -6.47
N TRP A 36 4.76 -15.79 -6.34
CA TRP A 36 5.29 -16.12 -5.03
C TRP A 36 6.50 -15.28 -4.68
N LYS A 37 6.76 -15.17 -3.39
CA LYS A 37 7.93 -14.47 -2.88
C LYS A 37 8.89 -15.50 -2.26
N GLU A 38 10.15 -15.46 -2.71
CA GLU A 38 11.18 -16.39 -2.23
C GLU A 38 11.89 -15.80 -1.02
N LEU A 39 12.02 -16.61 0.02
CA LEU A 39 12.77 -16.20 1.21
C LEU A 39 13.75 -17.29 1.59
N ASP A 40 15.03 -16.96 1.70
CA ASP A 40 16.06 -17.93 2.07
C ASP A 40 16.41 -17.84 3.55
N TYR A 41 15.87 -18.75 4.33
CA TYR A 41 16.03 -18.76 5.79
C TYR A 41 17.27 -19.54 6.25
N GLY A 42 18.01 -20.11 5.30
CA GLY A 42 19.18 -20.91 5.61
C GLY A 42 20.13 -20.26 6.61
N SER A 43 20.19 -18.93 6.61
CA SER A 43 21.11 -18.20 7.46
C SER A 43 20.43 -17.59 8.69
N MET A 44 19.20 -18.00 8.96
CA MET A 44 18.46 -17.47 10.10
C MET A 44 18.65 -18.29 11.35
N THR A 45 18.54 -17.63 12.49
CA THR A 45 18.57 -18.29 13.79
C THR A 45 17.21 -18.95 14.02
N GLU A 46 17.12 -19.82 15.02
CA GLU A 46 15.86 -20.47 15.31
C GLU A 46 14.82 -19.44 15.76
N ALA A 47 15.30 -18.41 16.45
CA ALA A 47 14.45 -17.31 16.91
C ALA A 47 13.86 -16.54 15.73
N GLU A 48 14.72 -16.13 14.81
CA GLU A 48 14.27 -15.44 13.61
C GLU A 48 13.24 -16.28 12.85
N LYS A 49 13.40 -17.59 12.87
CA LYS A 49 12.49 -18.47 12.13
C LYS A 49 11.15 -18.63 12.83
N GLN A 50 11.16 -18.61 14.16
CA GLN A 50 9.92 -18.71 14.92
C GLN A 50 9.05 -17.48 14.71
N MET A 51 9.70 -16.31 14.62
CA MET A 51 9.02 -15.06 14.33
C MET A 51 8.44 -15.12 12.92
N LEU A 52 9.23 -15.66 12.00
CA LEU A 52 8.79 -15.81 10.61
C LEU A 52 7.55 -16.69 10.53
N VAL A 53 7.58 -17.79 11.27
CA VAL A 53 6.45 -18.72 11.29
C VAL A 53 5.16 -18.03 11.75
N SER A 54 5.25 -17.29 12.85
CA SER A 54 4.08 -16.61 13.39
C SER A 54 3.64 -15.45 12.48
N GLU A 55 4.59 -14.66 12.06
CA GLU A 55 4.33 -13.67 11.06
C GLU A 55 3.58 -14.19 9.85
N VAL A 56 3.97 -15.31 9.29
CA VAL A 56 3.32 -15.82 8.11
C VAL A 56 1.95 -16.28 8.47
N ASN A 57 1.79 -16.61 9.74
CA ASN A 57 0.57 -17.11 10.29
C ASN A 57 -0.52 -16.04 10.29
N LEU A 58 -0.16 -14.82 10.70
CA LEU A 58 -1.03 -13.64 10.65
C LEU A 58 -1.43 -13.19 9.26
N LEU A 59 -0.74 -13.68 8.24
CA LEU A 59 -1.00 -13.30 6.87
C LEU A 59 -2.11 -14.14 6.32
N ARG A 60 -2.14 -15.41 6.64
CA ARG A 60 -3.21 -16.27 6.17
C ARG A 60 -4.55 -15.90 6.75
N GLU A 61 -4.54 -15.24 7.91
CA GLU A 61 -5.76 -14.83 8.60
C GLU A 61 -6.51 -13.71 7.89
N LEU A 62 -5.77 -12.80 7.27
CA LEU A 62 -6.35 -11.62 6.63
C LEU A 62 -6.98 -11.89 5.27
N LYS A 63 -8.30 -11.92 5.23
CA LYS A 63 -9.04 -12.04 3.99
C LYS A 63 -9.88 -10.78 3.80
N HIS A 64 -9.63 -10.08 2.71
CA HIS A 64 -10.31 -8.83 2.41
C HIS A 64 -10.06 -8.47 0.95
N PRO A 65 -11.10 -8.02 0.26
CA PRO A 65 -10.97 -7.69 -1.17
C PRO A 65 -9.86 -6.69 -1.45
N ASN A 66 -9.59 -5.81 -0.48
CA ASN A 66 -8.66 -4.72 -0.70
C ASN A 66 -7.29 -4.96 -0.03
N ILE A 67 -7.03 -6.22 0.33
CA ILE A 67 -5.74 -6.67 0.83
C ILE A 67 -5.20 -7.83 -0.02
N VAL A 68 -3.95 -7.72 -0.48
CA VAL A 68 -3.39 -8.78 -1.32
C VAL A 68 -3.63 -10.13 -0.65
N ARG A 69 -4.23 -11.05 -1.39
CA ARG A 69 -4.59 -12.36 -0.87
C ARG A 69 -3.41 -13.33 -0.89
N TYR A 70 -3.10 -13.92 0.26
CA TYR A 70 -2.11 -14.99 0.33
C TYR A 70 -2.79 -16.37 0.31
N TYR A 71 -2.15 -17.31 -0.38
CA TYR A 71 -2.79 -18.59 -0.67
C TYR A 71 -2.12 -19.73 0.07
N ASP A 72 -0.82 -19.60 0.31
CA ASP A 72 -0.05 -20.77 0.70
C ASP A 72 1.36 -20.39 1.13
N ARG A 73 1.94 -21.24 1.96
CA ARG A 73 3.37 -21.16 2.24
C ARG A 73 3.97 -22.49 1.81
N ILE A 74 5.17 -22.45 1.26
CA ILE A 74 5.81 -23.66 0.75
C ILE A 74 7.24 -23.75 1.23
N ILE A 75 7.55 -24.84 1.92
CA ILE A 75 8.89 -25.04 2.46
C ILE A 75 9.74 -25.96 1.57
N ASP A 76 10.87 -25.47 1.11
CA ASP A 76 11.84 -26.31 0.43
C ASP A 76 13.11 -26.39 1.28
N ARG A 77 13.12 -27.35 2.20
CA ARG A 77 14.22 -27.48 3.16
C ARG A 77 15.56 -27.80 2.50
N THR A 78 15.50 -28.32 1.28
CA THR A 78 16.71 -28.68 0.55
C THR A 78 17.53 -27.45 0.16
N ASN A 79 16.87 -26.41 -0.33
CA ASN A 79 17.55 -25.16 -0.65
C ASN A 79 17.21 -24.08 0.37
N THR A 80 16.70 -24.51 1.52
CA THR A 80 16.33 -23.61 2.62
C THR A 80 15.56 -22.39 2.15
N THR A 81 14.56 -22.60 1.29
CA THR A 81 13.74 -21.51 0.80
C THR A 81 12.28 -21.67 1.18
N LEU A 82 11.69 -20.59 1.68
CA LEU A 82 10.26 -20.52 1.95
C LEU A 82 9.59 -19.70 0.85
N TYR A 83 8.53 -20.22 0.26
CA TYR A 83 7.78 -19.50 -0.76
C TYR A 83 6.43 -19.08 -0.23
N ILE A 84 6.10 -17.80 -0.39
CA ILE A 84 4.75 -17.35 -0.04
C ILE A 84 4.00 -17.06 -1.33
N VAL A 85 2.94 -17.84 -1.54
CA VAL A 85 2.16 -17.80 -2.77
C VAL A 85 1.02 -16.83 -2.60
N MET A 86 0.88 -15.93 -3.56
CA MET A 86 -0.18 -14.95 -3.46
C MET A 86 -0.80 -14.63 -4.80
N GLU A 87 -1.83 -13.80 -4.71
CA GLU A 87 -2.49 -13.16 -5.81
C GLU A 87 -1.50 -12.45 -6.73
N TYR A 88 -1.78 -12.50 -8.03
CA TYR A 88 -1.08 -11.68 -9.02
C TYR A 88 -1.85 -10.37 -9.22
N CYS A 89 -1.16 -9.25 -9.07
CA CYS A 89 -1.79 -7.96 -9.27
C CYS A 89 -1.25 -7.33 -10.54
N GLU A 90 -1.95 -7.56 -11.65
CA GLU A 90 -1.34 -7.29 -12.95
C GLU A 90 -0.97 -5.82 -13.21
N GLY A 91 -1.52 -4.90 -12.43
CA GLY A 91 -1.26 -3.49 -12.64
C GLY A 91 0.02 -3.00 -11.99
N GLY A 92 0.66 -3.87 -11.20
CA GLY A 92 1.88 -3.48 -10.51
C GLY A 92 1.56 -2.60 -9.32
N ASP A 93 2.56 -1.88 -8.82
CA ASP A 93 2.47 -1.10 -7.60
C ASP A 93 2.21 0.35 -7.94
N LEU A 94 1.83 1.12 -6.93
CA LEU A 94 1.42 2.51 -7.10
C LEU A 94 2.61 3.47 -7.29
N ALA A 95 3.76 3.09 -6.74
CA ALA A 95 4.99 3.86 -6.92
C ALA A 95 5.33 4.03 -8.40
N SER A 96 5.21 2.94 -9.16
CA SER A 96 5.55 2.98 -10.58
C SER A 96 4.56 3.81 -11.35
N VAL A 97 3.32 3.79 -10.91
CA VAL A 97 2.29 4.59 -11.56
C VAL A 97 2.58 6.09 -11.40
N ILE A 98 3.03 6.46 -10.20
CA ILE A 98 3.36 7.84 -9.88
C ILE A 98 4.64 8.23 -10.62
N THR A 99 5.59 7.32 -10.64
CA THR A 99 6.84 7.57 -11.34
C THR A 99 6.53 7.82 -12.80
N LYS A 100 5.75 6.91 -13.38
CA LYS A 100 5.36 7.02 -14.77
C LYS A 100 4.69 8.35 -15.09
N GLY A 101 3.72 8.74 -14.26
CA GLY A 101 3.02 10.00 -14.44
C GLY A 101 4.01 11.15 -14.52
N THR A 102 4.99 11.15 -13.62
CA THR A 102 5.98 12.22 -13.57
C THR A 102 6.72 12.38 -14.89
N LYS A 103 7.06 11.25 -15.52
CA LYS A 103 7.83 11.25 -16.76
C LYS A 103 7.05 11.87 -17.91
N GLU A 104 5.93 11.25 -18.26
CA GLU A 104 5.11 11.71 -19.38
C GLU A 104 4.36 13.00 -19.03
N ARG A 105 4.73 13.62 -17.91
CA ARG A 105 4.07 14.84 -17.45
C ARG A 105 2.56 14.73 -17.61
N GLN A 106 1.99 13.61 -17.18
CA GLN A 106 0.56 13.39 -17.29
C GLN A 106 -0.07 13.03 -15.93
N TYR A 107 -0.99 13.87 -15.49
CA TYR A 107 -1.65 13.65 -14.20
C TYR A 107 -2.65 12.48 -14.26
N LEU A 108 -2.88 11.84 -13.13
CA LEU A 108 -3.91 10.77 -13.04
C LEU A 108 -5.33 11.32 -12.94
N ASP A 109 -6.29 10.59 -13.50
CA ASP A 109 -7.72 10.97 -13.40
C ASP A 109 -8.19 11.03 -11.96
N GLU A 110 -9.01 12.03 -11.65
CA GLU A 110 -9.66 12.10 -10.33
C GLU A 110 -10.38 10.80 -9.99
N GLU A 111 -11.03 10.19 -11.00
CA GLU A 111 -11.73 8.92 -10.80
C GLU A 111 -10.82 7.83 -10.24
N PHE A 112 -9.56 7.82 -10.68
CA PHE A 112 -8.60 6.83 -10.17
C PHE A 112 -8.20 7.20 -8.74
N VAL A 113 -7.99 8.49 -8.50
CA VAL A 113 -7.68 8.92 -7.14
C VAL A 113 -8.85 8.58 -6.17
N LEU A 114 -10.09 8.72 -6.62
CA LEU A 114 -11.23 8.37 -5.74
C LEU A 114 -11.31 6.86 -5.45
N ARG A 115 -11.07 6.03 -6.46
CA ARG A 115 -10.98 4.58 -6.24
CA ARG A 115 -10.98 4.58 -6.25
C ARG A 115 -9.91 4.23 -5.23
N VAL A 116 -8.72 4.82 -5.38
CA VAL A 116 -7.64 4.53 -4.43
C VAL A 116 -8.00 4.98 -3.02
N MET A 117 -8.55 6.18 -2.88
CA MET A 117 -8.96 6.68 -1.56
C MET A 117 -9.97 5.71 -0.91
N THR A 118 -11.00 5.35 -1.67
CA THR A 118 -12.07 4.49 -1.17
C THR A 118 -11.55 3.14 -0.73
N GLN A 119 -10.85 2.48 -1.64
CA GLN A 119 -10.38 1.12 -1.44
C GLN A 119 -9.25 0.98 -0.40
N LEU A 120 -8.35 1.95 -0.31
CA LEU A 120 -7.36 1.96 0.77
C LEU A 120 -7.95 2.28 2.16
N THR A 121 -8.97 3.13 2.18
CA THR A 121 -9.64 3.47 3.44
C THR A 121 -10.35 2.24 4.01
N LEU A 122 -10.96 1.47 3.12
CA LEU A 122 -11.58 0.19 3.52
C LEU A 122 -10.54 -0.84 3.99
N ALA A 123 -9.40 -0.91 3.30
CA ALA A 123 -8.30 -1.73 3.80
C ALA A 123 -7.89 -1.33 5.22
N LEU A 124 -7.72 -0.03 5.46
CA LEU A 124 -7.33 0.47 6.79
C LEU A 124 -8.31 0.09 7.87
N LYS A 125 -9.58 0.30 7.56
CA LYS A 125 -10.65 -0.03 8.49
C LYS A 125 -10.55 -1.49 8.91
N GLU A 126 -10.20 -2.36 7.97
CA GLU A 126 -10.04 -3.77 8.30
C GLU A 126 -8.84 -3.97 9.23
N CYS A 127 -7.68 -3.38 8.87
CA CYS A 127 -6.48 -3.49 9.69
C CYS A 127 -6.73 -3.04 11.13
N HIS A 128 -7.44 -1.93 11.27
CA HIS A 128 -7.79 -1.40 12.59
C HIS A 128 -8.68 -2.37 13.34
N ARG A 129 -9.65 -2.93 12.63
CA ARG A 129 -10.61 -3.86 13.22
C ARG A 129 -9.87 -5.06 13.80
N ARG A 130 -8.97 -5.64 13.02
CA ARG A 130 -8.16 -6.76 13.45
C ARG A 130 -7.02 -6.30 14.37
N SER A 131 -7.37 -5.50 15.38
CA SER A 131 -6.41 -4.99 16.34
C SER A 131 -7.11 -4.55 17.62
N ARG A 140 0.49 -2.36 8.55
CA ARG A 140 0.98 -2.34 7.19
C ARG A 140 1.36 -0.93 6.75
N ASP A 141 2.42 -0.83 5.97
CA ASP A 141 2.97 0.47 5.57
C ASP A 141 2.15 1.10 4.46
N LEU A 142 1.58 2.26 4.74
CA LEU A 142 0.72 2.96 3.79
C LEU A 142 1.58 3.84 2.89
N LYS A 143 2.27 3.20 1.96
CA LYS A 143 3.16 3.89 1.05
C LYS A 143 2.94 3.38 -0.37
N PRO A 144 3.26 4.21 -1.38
CA PRO A 144 2.92 3.83 -2.76
C PRO A 144 3.50 2.47 -3.15
N ALA A 145 4.73 2.19 -2.74
CA ALA A 145 5.38 0.96 -3.13
C ALA A 145 4.65 -0.26 -2.60
N ASN A 146 3.73 -0.06 -1.65
CA ASN A 146 3.03 -1.17 -1.01
C ASN A 146 1.55 -1.23 -1.39
N VAL A 147 1.19 -0.56 -2.47
CA VAL A 147 -0.18 -0.55 -2.91
C VAL A 147 -0.23 -1.11 -4.30
N PHE A 148 -1.07 -2.12 -4.51
CA PHE A 148 -1.07 -2.82 -5.78
C PHE A 148 -2.40 -2.75 -6.53
N LEU A 149 -2.31 -2.84 -7.85
CA LEU A 149 -3.46 -2.79 -8.72
C LEU A 149 -3.67 -4.15 -9.40
N ASP A 150 -4.90 -4.66 -9.43
CA ASP A 150 -5.19 -5.86 -10.20
C ASP A 150 -5.68 -5.50 -11.62
N GLY A 151 -6.42 -6.42 -12.25
CA GLY A 151 -6.83 -6.23 -13.64
C GLY A 151 -8.26 -5.73 -13.79
N LYS A 152 -8.92 -5.43 -12.68
CA LYS A 152 -10.31 -5.00 -12.73
C LYS A 152 -10.56 -3.72 -11.95
N GLN A 153 -9.56 -2.85 -11.92
CA GLN A 153 -9.66 -1.55 -11.27
C GLN A 153 -9.70 -1.63 -9.76
N ASN A 154 -9.18 -2.73 -9.20
CA ASN A 154 -9.17 -2.89 -7.75
C ASN A 154 -7.82 -2.51 -7.16
N VAL A 155 -7.85 -2.04 -5.93
CA VAL A 155 -6.68 -1.49 -5.27
C VAL A 155 -6.43 -2.33 -4.02
N LYS A 156 -5.19 -2.80 -3.84
CA LYS A 156 -4.88 -3.75 -2.78
C LYS A 156 -3.66 -3.40 -1.93
N LEU A 157 -3.82 -3.45 -0.62
CA LEU A 157 -2.74 -3.18 0.31
C LEU A 157 -1.88 -4.45 0.53
N GLY A 158 -0.55 -4.29 0.43
CA GLY A 158 0.38 -5.38 0.65
C GLY A 158 0.93 -5.45 2.07
N ASP A 159 1.89 -6.34 2.30
CA ASP A 159 2.26 -6.74 3.66
C ASP A 159 3.50 -6.08 4.23
N PHE A 160 4.23 -5.35 3.38
CA PHE A 160 5.59 -4.93 3.73
C PHE A 160 5.76 -3.42 3.84
N GLY A 161 5.34 -2.84 4.96
CA GLY A 161 4.63 -3.58 5.99
C GLY A 161 5.41 -3.80 7.28
N VAL A 177 17.86 4.86 5.20
CA VAL A 177 18.55 5.75 4.27
C VAL A 177 17.60 6.77 3.64
N GLY A 178 16.37 6.32 3.37
CA GLY A 178 15.38 7.17 2.74
C GLY A 178 14.88 8.30 3.64
N THR A 179 14.31 9.32 3.02
CA THR A 179 13.62 10.37 3.77
C THR A 179 12.22 9.86 4.08
N PRO A 180 11.77 10.02 5.34
CA PRO A 180 10.45 9.56 5.78
C PRO A 180 9.33 10.55 5.41
N TYR A 181 9.04 10.68 4.12
CA TYR A 181 8.05 11.65 3.64
C TYR A 181 6.69 11.59 4.34
N TYR A 182 6.28 10.40 4.78
CA TYR A 182 4.93 10.19 5.32
C TYR A 182 4.81 10.19 6.85
N MET A 183 5.93 10.43 7.55
CA MET A 183 5.90 10.43 9.01
C MET A 183 4.99 11.55 9.52
N SER A 184 4.09 11.20 10.42
CA SER A 184 3.12 12.15 10.97
C SER A 184 3.73 12.96 12.11
N PRO A 185 3.15 14.13 12.40
CA PRO A 185 3.62 15.02 13.47
C PRO A 185 3.68 14.34 14.84
N GLU A 186 2.74 13.45 15.13
CA GLU A 186 2.74 12.70 16.38
C GLU A 186 3.76 11.57 16.36
N GLN A 187 3.76 10.80 15.28
CA GLN A 187 4.68 9.68 15.17
C GLN A 187 6.08 10.20 14.83
N MET A 188 6.26 11.51 14.98
CA MET A 188 7.54 12.15 14.78
C MET A 188 8.04 12.82 16.07
N ASN A 189 7.13 12.98 17.03
CA ASN A 189 7.50 13.36 18.39
C ASN A 189 7.31 12.13 19.25
N ARG A 190 6.08 11.96 19.72
CA ARG A 190 5.60 10.68 20.12
C ARG A 190 4.22 10.66 20.77
N ASN A 194 -1.53 5.14 17.01
CA ASN A 194 -2.57 6.11 16.70
C ASN A 194 -3.16 5.88 15.30
N GLU A 195 -4.45 5.58 15.25
CA GLU A 195 -5.14 5.36 14.00
C GLU A 195 -5.26 6.62 13.13
N LYS A 196 -5.31 7.79 13.74
CA LYS A 196 -5.28 9.04 12.97
C LYS A 196 -3.92 9.22 12.27
N SER A 197 -2.88 8.56 12.78
CA SER A 197 -1.58 8.57 12.11
C SER A 197 -1.64 7.91 10.72
N ASP A 198 -2.45 6.87 10.60
CA ASP A 198 -2.63 6.22 9.30
C ASP A 198 -3.35 7.15 8.35
N ILE A 199 -4.30 7.92 8.88
CA ILE A 199 -5.03 8.88 8.06
C ILE A 199 -4.08 9.93 7.46
N TRP A 200 -3.14 10.40 8.27
CA TRP A 200 -2.15 11.34 7.74
C TRP A 200 -1.41 10.72 6.57
N SER A 201 -0.93 9.49 6.75
CA SER A 201 -0.13 8.82 5.72
C SER A 201 -0.93 8.61 4.45
N LEU A 202 -2.21 8.30 4.58
CA LEU A 202 -3.09 8.14 3.42
C LEU A 202 -3.23 9.48 2.72
N GLY A 203 -3.33 10.55 3.51
CA GLY A 203 -3.38 11.89 2.99
C GLY A 203 -2.16 12.18 2.13
N CYS A 204 -0.99 11.84 2.67
CA CYS A 204 0.28 12.04 1.99
C CYS A 204 0.30 11.26 0.69
N LEU A 205 -0.20 10.02 0.75
CA LEU A 205 -0.23 9.15 -0.42
C LEU A 205 -1.18 9.66 -1.51
N LEU A 206 -2.41 10.02 -1.13
CA LEU A 206 -3.34 10.57 -2.14
C LEU A 206 -2.83 11.91 -2.66
N TYR A 207 -2.33 12.75 -1.76
CA TYR A 207 -1.73 14.02 -2.21
C TYR A 207 -0.64 13.71 -3.26
N GLU A 208 0.23 12.75 -2.98
CA GLU A 208 1.30 12.48 -3.92
C GLU A 208 0.73 11.91 -5.23
N LEU A 209 -0.36 11.16 -5.15
CA LEU A 209 -1.02 10.67 -6.35
C LEU A 209 -1.46 11.79 -7.25
N CYS A 210 -2.05 12.83 -6.65
CA CYS A 210 -2.53 13.98 -7.42
C CYS A 210 -1.42 14.87 -7.97
N ALA A 211 -0.49 15.28 -7.10
CA ALA A 211 0.52 16.29 -7.44
C ALA A 211 1.79 15.71 -8.09
N LEU A 212 1.95 14.40 -7.97
CA LEU A 212 3.12 13.66 -8.50
C LEU A 212 4.35 13.98 -7.69
N MET A 213 4.12 14.51 -6.50
CA MET A 213 5.17 14.79 -5.53
C MET A 213 4.48 14.83 -4.17
N PRO A 214 5.23 14.52 -3.09
CA PRO A 214 4.72 14.51 -1.71
C PRO A 214 4.46 15.93 -1.21
N PRO A 215 3.63 16.10 -0.16
CA PRO A 215 3.23 17.43 0.33
C PRO A 215 4.43 18.15 0.92
N PHE A 216 5.30 17.40 1.58
CA PHE A 216 6.52 17.93 2.18
C PHE A 216 7.77 17.26 1.61
N THR A 217 8.70 18.07 1.14
CA THR A 217 9.94 17.55 0.59
C THR A 217 11.09 18.29 1.26
N ALA A 218 12.24 17.63 1.34
CA ALA A 218 13.40 18.20 1.97
C ALA A 218 14.59 17.28 1.71
N PHE A 219 15.81 17.79 1.94
CA PHE A 219 17.01 16.98 1.67
C PHE A 219 17.46 16.17 2.90
N SER A 220 17.09 16.65 4.10
CA SER A 220 17.39 15.93 5.33
C SER A 220 16.13 15.76 6.18
N GLN A 221 16.14 14.79 7.07
CA GLN A 221 14.98 14.54 7.93
C GLN A 221 14.68 15.73 8.84
N LYS A 222 15.72 16.41 9.30
CA LYS A 222 15.54 17.58 10.16
C LYS A 222 14.81 18.71 9.44
N GLU A 223 15.20 18.98 8.20
CA GLU A 223 14.51 19.97 7.38
C GLU A 223 13.07 19.52 7.12
N LEU A 224 12.91 18.25 6.77
CA LEU A 224 11.60 17.63 6.61
C LEU A 224 10.74 17.85 7.85
N ALA A 225 11.26 17.48 9.02
CA ALA A 225 10.53 17.67 10.28
C ALA A 225 10.09 19.11 10.41
N GLY A 226 11.01 20.02 10.10
CA GLY A 226 10.71 21.45 10.10
C GLY A 226 9.45 21.78 9.32
N LYS A 227 9.37 21.29 8.08
CA LYS A 227 8.25 21.59 7.20
C LYS A 227 6.93 20.96 7.66
N ILE A 228 6.99 19.76 8.22
CA ILE A 228 5.80 19.08 8.72
C ILE A 228 5.14 19.82 9.88
N ARG A 229 5.94 20.18 10.89
CA ARG A 229 5.43 20.92 12.04
C ARG A 229 4.72 22.20 11.62
N GLU A 230 5.12 22.75 10.48
CA GLU A 230 4.47 23.94 9.96
C GLU A 230 3.11 23.63 9.30
N GLY A 231 2.97 22.43 8.73
CA GLY A 231 1.70 21.98 8.18
C GLY A 231 1.24 22.65 6.90
N LYS A 232 2.18 23.24 6.15
CA LYS A 232 1.83 23.96 4.93
CA LYS A 232 1.85 23.99 4.93
C LYS A 232 2.33 23.24 3.69
N PHE A 233 1.54 23.31 2.62
CA PHE A 233 1.86 22.60 1.38
C PHE A 233 1.06 23.28 0.28
N ARG A 234 1.41 22.99 -0.97
CA ARG A 234 0.66 23.50 -2.12
C ARG A 234 -0.70 22.79 -2.31
N ARG A 235 -1.66 23.49 -2.90
CA ARG A 235 -2.93 22.86 -3.26
C ARG A 235 -2.55 21.84 -4.31
N ILE A 236 -3.25 20.70 -4.35
CA ILE A 236 -3.07 19.73 -5.42
C ILE A 236 -3.49 20.47 -6.69
N PRO A 237 -3.07 19.96 -7.86
CA PRO A 237 -3.34 20.70 -9.11
C PRO A 237 -4.81 21.04 -9.32
N TYR A 238 -5.06 22.10 -10.08
CA TYR A 238 -6.40 22.66 -10.25
C TYR A 238 -7.35 21.78 -11.06
N ARG A 239 -6.78 20.83 -11.78
CA ARG A 239 -7.59 19.82 -12.48
C ARG A 239 -8.43 18.99 -11.49
N TYR A 240 -8.03 18.97 -10.22
CA TYR A 240 -8.75 18.26 -9.17
C TYR A 240 -9.75 19.17 -8.43
N SER A 241 -10.94 18.65 -8.19
CA SER A 241 -12.05 19.39 -7.58
C SER A 241 -11.71 19.90 -6.19
N ASP A 242 -12.37 20.98 -5.78
CA ASP A 242 -12.28 21.50 -4.42
C ASP A 242 -12.64 20.46 -3.34
N GLU A 243 -13.61 19.62 -3.64
CA GLU A 243 -14.00 18.56 -2.71
C GLU A 243 -12.88 17.54 -2.49
N LEU A 244 -12.20 17.14 -3.55
CA LEU A 244 -11.04 16.23 -3.37
C LEU A 244 -9.91 16.94 -2.59
N ASN A 245 -9.60 18.17 -2.98
CA ASN A 245 -8.58 18.93 -2.27
C ASN A 245 -8.90 19.10 -0.78
N GLU A 246 -10.16 19.41 -0.48
CA GLU A 246 -10.59 19.56 0.90
C GLU A 246 -10.35 18.31 1.75
N ILE A 247 -10.75 17.15 1.25
CA ILE A 247 -10.63 15.95 2.08
C ILE A 247 -9.15 15.56 2.31
N ILE A 248 -8.36 15.65 1.25
CA ILE A 248 -6.94 15.40 1.40
C ILE A 248 -6.32 16.41 2.36
N THR A 249 -6.73 17.67 2.24
CA THR A 249 -6.26 18.71 3.16
C THR A 249 -6.61 18.37 4.61
N ARG A 250 -7.84 17.91 4.87
CA ARG A 250 -8.24 17.50 6.23
C ARG A 250 -7.37 16.38 6.79
N MET A 251 -7.08 15.38 5.96
CA MET A 251 -6.24 14.26 6.37
C MET A 251 -4.87 14.74 6.78
N LEU A 252 -4.42 15.81 6.13
CA LEU A 252 -3.15 16.44 6.48
C LEU A 252 -3.28 17.47 7.59
N ASN A 253 -4.29 17.37 8.44
CA ASN A 253 -4.37 18.33 9.54
C ASN A 253 -3.27 18.05 10.56
N LEU A 254 -2.71 19.10 11.15
CA LEU A 254 -1.68 18.93 12.18
C LEU A 254 -2.23 18.27 13.45
N LYS A 255 -3.52 18.48 13.73
CA LYS A 255 -4.16 17.84 14.87
C LYS A 255 -4.81 16.53 14.42
N ASP A 256 -4.37 15.41 14.98
CA ASP A 256 -4.98 14.13 14.63
C ASP A 256 -6.48 14.13 14.88
N TYR A 257 -6.95 14.84 15.91
CA TYR A 257 -8.39 14.84 16.20
C TYR A 257 -9.22 15.69 15.22
N HIS A 258 -8.56 16.45 14.35
CA HIS A 258 -9.28 17.16 13.27
C HIS A 258 -9.29 16.34 11.99
N ARG A 259 -8.47 15.30 11.93
CA ARG A 259 -8.46 14.45 10.75
C ARG A 259 -9.70 13.58 10.74
N PRO A 260 -10.25 13.34 9.55
CA PRO A 260 -11.45 12.52 9.45
C PRO A 260 -11.14 11.05 9.82
N SER A 261 -12.14 10.36 10.36
CA SER A 261 -11.99 8.93 10.59
C SER A 261 -12.32 8.21 9.30
N VAL A 262 -11.99 6.92 9.28
CA VAL A 262 -12.38 6.04 8.21
C VAL A 262 -13.86 6.21 7.86
N GLU A 263 -14.70 6.20 8.88
CA GLU A 263 -16.14 6.40 8.71
C GLU A 263 -16.45 7.76 8.07
N GLU A 264 -15.83 8.81 8.59
CA GLU A 264 -16.09 10.14 8.07
C GLU A 264 -15.60 10.24 6.62
N ILE A 265 -14.50 9.57 6.30
CA ILE A 265 -13.99 9.58 4.92
C ILE A 265 -15.01 8.98 3.94
N LEU A 266 -15.57 7.83 4.29
CA LEU A 266 -16.46 7.07 3.40
C LEU A 266 -17.87 7.67 3.26
N GLU A 267 -18.26 8.52 4.22
CA GLU A 267 -19.49 9.30 4.14
C GLU A 267 -19.38 10.46 3.14
N ASN A 268 -18.19 10.70 2.61
CA ASN A 268 -17.99 11.86 1.72
C ASN A 268 -18.76 11.66 0.42
N PRO A 269 -19.47 12.71 -0.04
CA PRO A 269 -20.29 12.60 -1.24
C PRO A 269 -19.51 12.23 -2.49
N LEU A 270 -18.20 12.46 -2.48
CA LEU A 270 -17.36 12.07 -3.62
C LEU A 270 -17.39 10.56 -3.86
N ILE A 271 -17.60 9.80 -2.78
CA ILE A 271 -17.36 8.36 -2.84
C ILE A 271 -18.62 7.59 -3.20
N LEU A 272 -18.58 6.91 -4.34
CA LEU A 272 -19.72 6.23 -4.91
C LEU A 272 -19.48 4.72 -5.07
N GLU A 273 -20.55 3.96 -5.27
CA GLU A 273 -20.43 2.49 -5.37
C GLU A 273 -19.34 2.04 -6.34
N HIS A 274 -19.28 2.65 -7.52
CA HIS A 274 -18.34 2.22 -8.54
C HIS A 274 -16.86 2.42 -8.14
N HIS A 275 -16.61 3.13 -7.04
CA HIS A 275 -15.23 3.40 -6.59
C HIS A 275 -14.68 2.27 -5.72
N HIS A 276 -15.57 1.35 -5.36
CA HIS A 276 -15.27 0.20 -4.52
C HIS A 276 -14.79 -0.94 -5.38
N HIS A 277 -14.40 -2.04 -4.73
CA HIS A 277 -13.86 -3.19 -5.45
C HIS A 277 -14.98 -3.90 -6.17
N HIS A 278 -14.66 -4.49 -7.33
CA HIS A 278 -15.58 -5.36 -8.04
C HIS A 278 -14.84 -6.60 -8.53
N HIS A 279 -15.49 -7.76 -8.40
CA HIS A 279 -14.96 -9.03 -8.85
C HIS A 279 -15.08 -9.19 -10.36
#